data_4YXA
#
_entry.id   4YXA
#
_cell.length_a   62.880
_cell.length_b   88.500
_cell.length_c   63.320
_cell.angle_alpha   90.000
_cell.angle_beta   116.070
_cell.angle_gamma   90.000
#
_symmetry.space_group_name_H-M   'P 1 21 1'
#
loop_
_entity.id
_entity.type
_entity.pdbx_description
1 polymer 'Surface presentation of antigens protein SpaO'
2 polymer 'Surface presentation of antigens protein SpaO'
3 polymer 'Oxygen-regulated invasion protein OrgB,Endolysin'
4 water water
#
loop_
_entity_poly.entity_id
_entity_poly.type
_entity_poly.pdbx_seq_one_letter_code
_entity_poly.pdbx_strand_id
1 'polypeptide(L)' GPVDPKMLRWPLRFVIGSSDTQRSLLGRIGIGDVLLIRTSRAEVYCYAKKLGHFNRVEGGIIVETLDIQHIEE A,D
2 'polypeptide(L)'
;GPVDVKLEFVLYRKNVTLAELEA(MSE)GQQQLLSLPTNAELNVEI(MSE)ANGVLLGNGELVQ(MSE)NDTLGVEIHEW
LS
;
B,E
3 'polypeptide(L)'
;GPVDMLKNIPIPSPLSPVEGILIKRKTLERYFSINIFEMLRIDEGLRLKIYKNTEGYYTIGIGHLLTKSPSLNAAKSELD
KAIGRNTNGVITKDEAEKLFNQDVDAAVRGILRNAKLKPVYDSLDAVRRAALINMVFQMGETGVAGFTNSLRMLQQKRWD
EAAVNLAKSRWYNQTPNRAKRVITTFRTGTWDAYAAA
;
C,F
#
# COMPACT_ATOMS: atom_id res chain seq x y z
N LEU A 8 -9.18 -23.91 11.11
CA LEU A 8 -10.29 -23.49 11.96
C LEU A 8 -11.26 -22.57 11.21
N ARG A 9 -10.91 -21.30 11.10
CA ARG A 9 -11.82 -20.30 10.54
C ARG A 9 -11.32 -19.77 9.22
N TRP A 10 -12.25 -19.40 8.33
CA TRP A 10 -11.91 -18.76 7.07
C TRP A 10 -12.60 -17.43 6.84
N PRO A 11 -11.81 -16.35 6.78
CA PRO A 11 -12.36 -15.03 6.48
C PRO A 11 -12.92 -14.95 5.05
N LEU A 12 -14.25 -14.78 4.96
CA LEU A 12 -14.95 -14.56 3.69
C LEU A 12 -15.30 -13.08 3.44
N ARG A 13 -14.78 -12.51 2.35
CA ARG A 13 -15.23 -11.20 1.88
C ARG A 13 -16.35 -11.39 0.90
N PHE A 14 -17.47 -10.74 1.15
CA PHE A 14 -18.54 -10.73 0.18
C PHE A 14 -18.42 -9.48 -0.69
N VAL A 15 -17.84 -9.66 -1.88
CA VAL A 15 -17.43 -8.56 -2.72
C VAL A 15 -18.47 -8.25 -3.78
N ILE A 16 -18.76 -6.97 -3.97
CA ILE A 16 -19.80 -6.54 -4.88
C ILE A 16 -19.28 -5.79 -6.10
N GLY A 17 -18.00 -5.46 -6.10
CA GLY A 17 -17.39 -4.86 -7.25
C GLY A 17 -15.91 -4.63 -7.05
N SER A 18 -15.22 -4.15 -8.08
CA SER A 18 -13.83 -3.78 -7.94
C SER A 18 -13.44 -2.69 -8.90
N SER A 19 -12.51 -1.86 -8.48
CA SER A 19 -12.06 -0.79 -9.33
C SER A 19 -10.55 -0.83 -9.41
N ASP A 20 -10.04 -1.41 -10.48
CA ASP A 20 -8.60 -1.50 -10.64
C ASP A 20 -7.98 -0.13 -10.83
N THR A 21 -7.73 0.53 -9.71
CA THR A 21 -7.11 1.84 -9.71
C THR A 21 -5.62 1.72 -10.02
N GLN A 22 -4.87 2.79 -9.76
CA GLN A 22 -3.42 2.71 -9.93
C GLN A 22 -2.63 3.82 -9.25
N ARG A 23 -1.70 3.37 -8.41
CA ARG A 23 -0.60 4.12 -7.82
C ARG A 23 -0.85 5.48 -7.19
N SER A 24 -1.17 6.45 -8.02
CA SER A 24 -1.00 7.85 -7.69
C SER A 24 -2.24 8.37 -6.97
N LEU A 25 -3.39 7.83 -7.37
CA LEU A 25 -4.65 8.31 -6.83
C LEU A 25 -4.64 8.12 -5.34
N LEU A 26 -4.42 6.89 -4.88
CA LEU A 26 -4.05 6.73 -3.49
C LEU A 26 -2.70 7.40 -3.36
N GLY A 27 -2.60 8.38 -2.47
CA GLY A 27 -3.72 8.80 -1.69
C GLY A 27 -3.96 10.28 -1.93
N ARG A 28 -4.62 10.59 -3.03
CA ARG A 28 -5.32 11.85 -3.15
C ARG A 28 -6.74 11.59 -2.73
N ILE A 29 -7.10 10.30 -2.74
CA ILE A 29 -8.34 9.83 -2.17
C ILE A 29 -8.48 10.32 -0.72
N GLY A 30 -9.65 10.89 -0.41
CA GLY A 30 -9.92 11.45 0.91
C GLY A 30 -11.41 11.41 1.26
N ILE A 31 -11.75 11.77 2.48
CA ILE A 31 -13.12 11.68 2.95
C ILE A 31 -14.04 12.55 2.09
N GLY A 32 -15.17 11.98 1.69
CA GLY A 32 -16.17 12.72 0.94
C GLY A 32 -16.10 12.45 -0.54
N ASP A 33 -14.93 11.97 -0.99
CA ASP A 33 -14.74 11.58 -2.39
C ASP A 33 -15.61 10.35 -2.69
N VAL A 34 -15.70 9.97 -3.96
CA VAL A 34 -16.51 8.81 -4.35
C VAL A 34 -15.67 7.94 -5.23
N LEU A 35 -15.74 6.63 -5.04
CA LEU A 35 -15.02 5.71 -5.89
C LEU A 35 -15.99 4.96 -6.73
N LEU A 36 -15.87 5.10 -8.03
CA LEU A 36 -16.74 4.35 -8.90
C LEU A 36 -16.44 2.87 -8.82
N ILE A 37 -17.49 2.08 -8.74
CA ILE A 37 -17.34 0.67 -8.96
C ILE A 37 -17.39 0.47 -10.47
N ARG A 38 -16.22 0.26 -11.07
CA ARG A 38 -16.16 0.09 -12.51
C ARG A 38 -16.43 -1.34 -12.95
N THR A 39 -16.47 -2.30 -12.03
CA THR A 39 -16.89 -3.66 -12.36
C THR A 39 -17.83 -4.23 -11.35
N SER A 40 -19.11 -4.32 -11.66
CA SER A 40 -20.05 -4.84 -10.68
C SER A 40 -20.04 -6.35 -10.68
N ARG A 41 -19.83 -6.92 -9.50
CA ARG A 41 -19.84 -8.37 -9.33
C ARG A 41 -20.66 -8.71 -8.10
N ALA A 42 -20.69 -9.99 -7.75
CA ALA A 42 -21.32 -10.41 -6.51
C ALA A 42 -20.67 -11.69 -6.04
N GLU A 43 -19.51 -11.58 -5.39
CA GLU A 43 -18.66 -12.77 -5.20
C GLU A 43 -18.01 -12.98 -3.84
N VAL A 44 -17.84 -14.26 -3.54
CA VAL A 44 -17.34 -14.70 -2.26
C VAL A 44 -15.89 -15.14 -2.39
N TYR A 45 -15.00 -14.48 -1.69
CA TYR A 45 -13.59 -14.85 -1.72
C TYR A 45 -13.18 -15.43 -0.40
N CYS A 46 -12.31 -16.41 -0.44
CA CYS A 46 -11.50 -16.68 0.73
C CYS A 46 -10.08 -16.31 0.35
N TYR A 47 -9.53 -15.36 1.09
CA TYR A 47 -8.29 -14.75 0.69
C TYR A 47 -8.37 -14.41 -0.79
N ALA A 48 -7.39 -14.81 -1.59
CA ALA A 48 -7.42 -14.40 -2.98
C ALA A 48 -8.08 -15.47 -3.85
N LYS A 49 -9.03 -16.19 -3.29
CA LYS A 49 -9.59 -17.32 -3.99
C LYS A 49 -11.09 -17.21 -4.15
N LYS A 50 -11.55 -17.27 -5.40
CA LYS A 50 -12.96 -17.17 -5.72
C LYS A 50 -13.70 -18.42 -5.39
N LEU A 51 -14.75 -18.30 -4.60
CA LEU A 51 -15.45 -19.50 -4.16
C LEU A 51 -16.74 -19.74 -4.95
N GLY A 52 -17.59 -18.72 -5.02
CA GLY A 52 -18.85 -18.82 -5.73
C GLY A 52 -19.59 -17.49 -5.75
N HIS A 53 -20.71 -17.45 -6.46
CA HIS A 53 -21.52 -16.23 -6.52
C HIS A 53 -22.63 -16.20 -5.50
N PHE A 54 -22.76 -15.07 -4.81
CA PHE A 54 -23.88 -14.85 -3.91
C PHE A 54 -24.79 -13.82 -4.52
N ASN A 55 -25.91 -13.53 -3.88
CA ASN A 55 -26.67 -12.38 -4.30
C ASN A 55 -27.44 -11.77 -3.15
N ARG A 56 -27.68 -10.48 -3.28
CA ARG A 56 -28.25 -9.66 -2.23
C ARG A 56 -29.75 -9.85 -2.15
N VAL A 57 -30.24 -10.41 -1.06
CA VAL A 57 -31.65 -10.76 -0.96
C VAL A 57 -32.27 -10.34 0.34
N GLU A 58 -33.59 -10.55 0.42
CA GLU A 58 -34.36 -10.49 1.66
C GLU A 58 -33.86 -9.45 2.64
N GLY A 59 -33.21 -9.94 3.67
CA GLY A 59 -32.52 -9.13 4.67
C GLY A 59 -31.22 -9.83 4.97
N GLY A 60 -30.47 -10.09 3.90
CA GLY A 60 -29.21 -10.80 4.00
C GLY A 60 -28.71 -11.22 2.64
N ILE A 61 -28.10 -12.40 2.61
CA ILE A 61 -27.39 -12.88 1.42
C ILE A 61 -27.58 -14.37 1.29
N ILE A 62 -27.60 -14.87 0.06
CA ILE A 62 -27.59 -16.29 -0.19
C ILE A 62 -26.48 -16.61 -1.19
N VAL A 63 -25.64 -17.59 -0.82
CA VAL A 63 -24.46 -17.94 -1.61
C VAL A 63 -24.66 -19.17 -2.48
N GLU A 64 -24.56 -19.01 -3.79
CA GLU A 64 -25.09 -20.04 -4.66
C GLU A 64 -24.24 -21.32 -4.69
N THR A 65 -23.02 -21.28 -5.21
CA THR A 65 -22.42 -22.55 -5.57
C THR A 65 -21.46 -23.00 -4.49
N LEU A 66 -20.62 -22.08 -4.02
CA LEU A 66 -19.64 -22.38 -2.99
C LEU A 66 -18.75 -23.57 -3.36
N ASP A 67 -17.79 -23.31 -4.24
CA ASP A 67 -16.79 -24.32 -4.61
C ASP A 67 -15.53 -24.16 -3.78
N ILE A 68 -15.15 -25.18 -3.03
CA ILE A 68 -14.05 -25.05 -2.07
C ILE A 68 -12.78 -25.86 -2.42
N GLN A 69 -12.78 -26.50 -3.58
CA GLN A 69 -11.65 -27.31 -4.02
C GLN A 69 -11.73 -27.63 -5.51
N VAL B 3 1.08 1.80 -11.47
CA VAL B 3 0.44 0.66 -12.17
C VAL B 3 -0.75 -0.06 -11.41
N ASP B 4 -1.67 -0.65 -12.19
CA ASP B 4 -2.88 -1.36 -11.72
C ASP B 4 -2.83 -1.94 -10.31
N VAL B 5 -3.92 -1.68 -9.58
CA VAL B 5 -4.09 -2.19 -8.23
C VAL B 5 -5.59 -2.29 -7.98
N LYS B 6 -6.03 -3.50 -7.63
CA LYS B 6 -7.43 -3.84 -7.61
C LYS B 6 -8.11 -3.46 -6.30
N LEU B 7 -8.79 -2.31 -6.29
CA LEU B 7 -9.67 -1.95 -5.18
C LEU B 7 -10.85 -2.89 -5.15
N GLU B 8 -11.17 -3.43 -3.99
CA GLU B 8 -12.33 -4.29 -3.86
C GLU B 8 -13.31 -3.65 -2.94
N PHE B 9 -14.58 -3.72 -3.33
CA PHE B 9 -15.69 -3.18 -2.58
C PHE B 9 -16.43 -4.33 -1.93
N VAL B 10 -16.20 -4.44 -0.63
CA VAL B 10 -16.63 -5.56 0.16
C VAL B 10 -17.84 -5.17 0.98
N LEU B 11 -18.99 -5.76 0.66
CA LEU B 11 -20.21 -5.45 1.36
C LEU B 11 -20.18 -5.96 2.80
N TYR B 12 -19.59 -7.13 2.99
CA TYR B 12 -19.63 -7.79 4.29
C TYR B 12 -18.46 -8.74 4.45
N ARG B 13 -17.94 -8.86 5.67
CA ARG B 13 -16.93 -9.88 5.99
C ARG B 13 -17.32 -10.69 7.21
N LYS B 14 -16.95 -11.97 7.22
CA LYS B 14 -17.30 -12.88 8.31
C LYS B 14 -16.33 -14.05 8.42
N ASN B 15 -15.82 -14.28 9.62
CA ASN B 15 -14.98 -15.43 9.90
C ASN B 15 -15.82 -16.68 9.96
N VAL B 16 -15.51 -17.64 9.10
CA VAL B 16 -16.33 -18.81 8.94
C VAL B 16 -15.49 -20.07 8.99
N THR B 17 -16.06 -21.13 9.55
CA THR B 17 -15.44 -22.44 9.56
C THR B 17 -16.25 -23.35 8.66
N LEU B 18 -15.90 -24.63 8.64
CA LEU B 18 -16.52 -25.58 7.72
C LEU B 18 -18.00 -25.85 7.92
N ALA B 19 -18.45 -25.94 9.17
CA ALA B 19 -19.86 -26.20 9.41
C ALA B 19 -20.70 -25.19 8.66
N GLU B 20 -20.61 -23.93 9.08
CA GLU B 20 -21.37 -22.82 8.47
C GLU B 20 -21.05 -22.69 6.99
N LEU B 21 -19.86 -23.15 6.62
CA LEU B 21 -19.42 -23.10 5.23
C LEU B 21 -20.21 -24.08 4.36
N GLU B 22 -20.33 -25.34 4.80
CA GLU B 22 -21.26 -26.25 4.15
C GLU B 22 -22.67 -25.76 4.40
N ALA B 23 -22.90 -25.26 5.61
CA ALA B 23 -24.24 -24.87 6.04
C ALA B 23 -24.78 -23.68 5.24
N MSE B 24 -23.97 -23.16 4.32
CA MSE B 24 -24.38 -22.04 3.50
C MSE B 24 -24.18 -22.36 2.02
O MSE B 24 -24.82 -21.76 1.16
CB MSE B 24 -23.59 -20.80 3.89
CG MSE B 24 -23.87 -19.60 3.03
SE MSE B 24 -22.70 -18.20 3.65
CE MSE B 24 -21.00 -19.00 3.10
N GLY B 25 -23.34 -23.34 1.73
CA GLY B 25 -23.31 -23.91 0.40
C GLY B 25 -24.63 -24.57 0.06
N GLN B 26 -25.60 -24.44 0.97
CA GLN B 26 -26.97 -24.95 0.83
C GLN B 26 -28.04 -23.85 0.81
N GLN B 27 -27.61 -22.62 0.59
CA GLN B 27 -28.49 -21.45 0.48
C GLN B 27 -29.16 -21.09 1.79
N GLN B 28 -28.36 -20.95 2.84
CA GLN B 28 -28.85 -20.41 4.10
C GLN B 28 -28.72 -18.90 4.08
N LEU B 29 -29.73 -18.23 4.61
CA LEU B 29 -29.71 -16.78 4.71
C LEU B 29 -28.66 -16.30 5.68
N LEU B 30 -27.65 -15.63 5.16
CA LEU B 30 -26.69 -14.97 6.04
C LEU B 30 -27.22 -13.58 6.40
N SER B 31 -27.51 -13.39 7.68
CA SER B 31 -28.15 -12.16 8.13
C SER B 31 -27.25 -10.95 8.05
N LEU B 32 -27.72 -9.94 7.33
CA LEU B 32 -27.10 -8.62 7.33
C LEU B 32 -28.03 -7.60 7.97
N PRO B 33 -27.46 -6.51 8.49
CA PRO B 33 -28.30 -5.36 8.84
C PRO B 33 -28.82 -4.65 7.60
N THR B 34 -29.87 -3.87 7.77
CA THR B 34 -30.29 -2.95 6.73
C THR B 34 -29.19 -1.89 6.55
N ASN B 35 -28.46 -1.64 7.64
CA ASN B 35 -27.26 -0.81 7.69
C ASN B 35 -26.27 -1.15 6.58
N ALA B 36 -26.30 -2.40 6.12
CA ALA B 36 -25.22 -3.00 5.34
C ALA B 36 -24.53 -2.03 4.37
N GLU B 37 -25.30 -1.48 3.44
CA GLU B 37 -24.75 -0.68 2.33
C GLU B 37 -24.16 0.68 2.74
N LEU B 38 -24.33 1.08 3.99
CA LEU B 38 -23.76 2.34 4.45
C LEU B 38 -22.36 2.19 4.97
N ASN B 39 -21.90 0.95 5.11
CA ASN B 39 -20.58 0.72 5.62
C ASN B 39 -19.88 -0.26 4.73
N VAL B 40 -19.81 0.08 3.45
CA VAL B 40 -19.14 -0.74 2.47
C VAL B 40 -17.64 -0.62 2.66
N GLU B 41 -16.93 -1.73 2.66
CA GLU B 41 -15.50 -1.69 2.90
C GLU B 41 -14.71 -1.70 1.62
N ILE B 42 -13.62 -0.97 1.63
CA ILE B 42 -12.75 -0.89 0.47
C ILE B 42 -11.39 -1.47 0.80
N MSE B 43 -11.03 -2.52 0.07
CA MSE B 43 -9.82 -3.24 0.35
C MSE B 43 -9.02 -3.47 -0.89
O MSE B 43 -9.57 -3.67 -1.97
CB MSE B 43 -10.14 -4.57 1.02
CG MSE B 43 -10.95 -4.44 2.28
SE MSE B 43 -11.51 -6.21 2.77
CE MSE B 43 -9.92 -7.18 2.26
N ALA B 44 -7.70 -3.46 -0.75
CA ALA B 44 -6.82 -3.54 -1.92
C ALA B 44 -6.17 -4.89 -2.05
N ASN B 45 -5.32 -5.23 -1.08
CA ASN B 45 -4.55 -6.47 -1.17
C ASN B 45 -4.92 -7.44 -0.08
N GLY B 46 -6.17 -7.38 0.36
CA GLY B 46 -6.57 -8.04 1.57
C GLY B 46 -6.24 -7.08 2.71
N VAL B 47 -6.19 -5.81 2.37
CA VAL B 47 -5.89 -4.77 3.33
C VAL B 47 -7.00 -3.75 3.31
N LEU B 48 -7.37 -3.26 4.49
CA LEU B 48 -8.52 -2.36 4.65
C LEU B 48 -8.11 -0.89 4.55
N LEU B 49 -8.40 -0.27 3.41
CA LEU B 49 -8.04 1.13 3.16
C LEU B 49 -9.00 2.11 3.78
N GLY B 50 -10.28 1.83 3.60
CA GLY B 50 -11.29 2.64 4.20
C GLY B 50 -12.63 2.00 4.07
N ASN B 51 -13.66 2.80 4.22
CA ASN B 51 -15.00 2.31 4.10
C ASN B 51 -15.93 3.43 3.74
N GLY B 52 -17.19 3.11 3.55
CA GLY B 52 -18.14 4.13 3.17
C GLY B 52 -19.51 3.66 2.79
N GLU B 53 -20.20 4.54 2.07
CA GLU B 53 -21.61 4.42 1.78
C GLU B 53 -21.91 4.25 0.31
N LEU B 54 -22.49 3.12 -0.02
CA LEU B 54 -22.94 2.90 -1.38
C LEU B 54 -23.86 4.03 -1.81
N VAL B 55 -23.53 4.66 -2.93
CA VAL B 55 -24.34 5.72 -3.49
C VAL B 55 -24.51 5.42 -4.98
N GLN B 56 -25.58 5.93 -5.56
CA GLN B 56 -25.81 5.71 -6.99
C GLN B 56 -25.69 7.00 -7.81
N MSE B 57 -25.22 6.81 -9.03
CA MSE B 57 -25.18 7.86 -10.04
C MSE B 57 -25.59 7.21 -11.32
O MSE B 57 -24.77 6.89 -12.19
CB MSE B 57 -23.80 8.42 -10.13
CG MSE B 57 -23.42 9.13 -8.90
SE MSE B 57 -21.59 8.59 -8.71
CE MSE B 57 -20.98 10.20 -7.76
N ASN B 58 -26.91 7.05 -11.43
CA ASN B 58 -27.56 5.87 -11.97
C ASN B 58 -26.82 5.01 -12.99
N ASP B 59 -25.86 5.52 -13.74
CA ASP B 59 -25.17 4.56 -14.57
C ASP B 59 -24.38 3.63 -13.63
N THR B 60 -23.65 4.20 -12.67
CA THR B 60 -22.76 3.40 -11.83
C THR B 60 -22.99 3.52 -10.34
N LEU B 61 -22.59 2.49 -9.61
CA LEU B 61 -22.53 2.57 -8.16
C LEU B 61 -21.26 3.27 -7.74
N GLY B 62 -21.27 3.83 -6.54
CA GLY B 62 -20.06 4.44 -6.04
C GLY B 62 -20.07 4.28 -4.56
N VAL B 63 -18.90 4.28 -3.94
CA VAL B 63 -18.83 4.41 -2.51
C VAL B 63 -18.35 5.80 -2.18
N GLU B 64 -19.15 6.54 -1.43
CA GLU B 64 -18.73 7.83 -0.89
C GLU B 64 -17.96 7.61 0.41
N ILE B 65 -16.69 8.01 0.42
CA ILE B 65 -15.77 7.69 1.51
C ILE B 65 -16.15 8.33 2.83
N HIS B 66 -16.24 7.49 3.87
CA HIS B 66 -16.45 7.97 5.22
C HIS B 66 -15.18 7.98 6.04
N GLU B 67 -14.46 6.87 6.01
CA GLU B 67 -13.18 6.74 6.71
C GLU B 67 -12.15 6.20 5.73
N TRP B 68 -10.95 6.78 5.72
CA TRP B 68 -9.90 6.35 4.80
C TRP B 68 -8.51 6.30 5.44
N LEU B 69 -7.92 5.12 5.50
CA LEU B 69 -6.55 4.96 5.99
C LEU B 69 -6.35 5.48 7.39
N GLY C 1 -36.48 -1.97 -1.69
CA GLY C 1 -35.22 -2.61 -2.02
C GLY C 1 -33.98 -1.89 -1.49
N PRO C 2 -32.99 -2.66 -1.02
CA PRO C 2 -31.73 -2.12 -0.54
C PRO C 2 -31.10 -1.26 -1.61
N VAL C 3 -31.15 -1.77 -2.84
CA VAL C 3 -30.69 -1.06 -4.02
C VAL C 3 -31.38 0.30 -4.23
N ASP C 4 -32.70 0.32 -4.06
CA ASP C 4 -33.46 1.52 -4.37
C ASP C 4 -33.71 2.41 -3.16
N MET C 5 -33.05 2.10 -2.05
CA MET C 5 -33.08 2.98 -0.89
C MET C 5 -31.82 3.87 -0.84
N LEU C 6 -30.88 3.60 -1.75
CA LEU C 6 -29.58 4.28 -1.78
C LEU C 6 -29.64 5.79 -2.00
N LYS C 7 -28.70 6.51 -1.38
CA LYS C 7 -28.53 7.93 -1.65
C LYS C 7 -28.13 8.09 -3.11
N ASN C 8 -28.61 9.13 -3.76
CA ASN C 8 -28.30 9.28 -5.17
C ASN C 8 -27.99 10.68 -5.60
N ILE C 9 -26.83 10.74 -6.26
CA ILE C 9 -26.10 11.93 -6.64
C ILE C 9 -26.31 12.19 -8.11
N PRO C 10 -27.20 13.11 -8.44
CA PRO C 10 -27.63 13.38 -9.80
C PRO C 10 -26.61 14.24 -10.53
N ILE C 11 -25.51 13.62 -10.94
CA ILE C 11 -24.53 14.22 -11.81
C ILE C 11 -24.86 13.88 -13.26
N PRO C 12 -25.04 14.92 -14.09
CA PRO C 12 -25.58 14.91 -15.45
C PRO C 12 -24.98 13.86 -16.35
N SER C 13 -23.67 13.65 -16.26
CA SER C 13 -22.96 12.66 -17.08
C SER C 13 -22.82 13.14 -18.54
N PRO C 14 -21.69 12.81 -19.21
CA PRO C 14 -20.56 11.98 -18.76
C PRO C 14 -19.79 12.61 -17.65
N LEU C 15 -19.39 11.79 -16.68
CA LEU C 15 -18.60 12.30 -15.58
C LEU C 15 -17.14 12.41 -16.03
N SER C 16 -16.39 13.31 -15.39
CA SER C 16 -14.94 13.42 -15.58
C SER C 16 -14.16 12.82 -14.41
N PRO C 17 -14.40 11.54 -14.07
CA PRO C 17 -13.82 11.04 -12.82
C PRO C 17 -12.30 11.02 -12.92
N VAL C 18 -11.61 11.36 -11.84
CA VAL C 18 -10.16 11.42 -11.89
C VAL C 18 -9.58 10.04 -12.11
N GLU C 19 -9.10 9.81 -13.33
CA GLU C 19 -8.49 8.55 -13.71
C GLU C 19 -9.49 7.42 -13.75
N GLY C 20 -10.74 7.76 -14.06
CA GLY C 20 -11.76 6.76 -14.28
C GLY C 20 -12.51 6.24 -13.06
N ILE C 21 -12.10 6.62 -11.85
CA ILE C 21 -12.73 6.06 -10.66
C ILE C 21 -12.92 7.05 -9.49
N LEU C 22 -12.15 8.13 -9.47
CA LEU C 22 -12.25 9.04 -8.34
C LEU C 22 -12.95 10.34 -8.70
N ILE C 23 -13.81 10.79 -7.79
CA ILE C 23 -14.54 12.04 -7.91
C ILE C 23 -14.43 12.79 -6.59
N LYS C 24 -13.76 13.94 -6.64
CA LYS C 24 -13.42 14.62 -5.43
C LYS C 24 -14.62 15.22 -4.75
N ARG C 25 -14.54 15.23 -3.43
CA ARG C 25 -15.57 15.74 -2.57
C ARG C 25 -16.00 17.16 -2.91
N LYS C 26 -15.02 17.97 -3.29
CA LYS C 26 -15.23 19.37 -3.68
C LYS C 26 -16.13 19.48 -4.91
N THR C 27 -16.15 18.41 -5.69
CA THR C 27 -16.91 18.34 -6.93
C THR C 27 -18.34 17.88 -6.64
N LEU C 28 -18.47 17.00 -5.66
CA LEU C 28 -19.76 16.47 -5.27
C LEU C 28 -20.56 17.46 -4.45
N GLU C 29 -19.87 18.34 -3.72
CA GLU C 29 -20.54 19.35 -2.90
C GLU C 29 -21.37 20.27 -3.77
N ARG C 30 -21.03 20.27 -5.07
CA ARG C 30 -21.75 21.01 -6.09
C ARG C 30 -23.15 20.48 -6.27
N TYR C 31 -23.56 19.55 -5.41
CA TYR C 31 -24.87 18.93 -5.55
C TYR C 31 -25.67 18.89 -4.27
N PHE C 32 -26.95 18.64 -4.49
CA PHE C 32 -27.81 18.15 -3.45
C PHE C 32 -28.05 16.70 -3.79
N SER C 33 -27.65 15.83 -2.88
CA SER C 33 -27.91 14.41 -3.02
C SER C 33 -28.55 13.86 -1.75
N ILE C 34 -29.74 13.27 -1.90
CA ILE C 34 -30.44 12.62 -0.81
C ILE C 34 -30.96 11.28 -1.24
N ASN C 35 -31.64 10.58 -0.35
CA ASN C 35 -32.32 9.34 -0.72
C ASN C 35 -33.81 9.55 -0.62
N ILE C 36 -34.58 8.54 -1.02
CA ILE C 36 -36.04 8.68 -0.97
C ILE C 36 -36.57 8.84 0.44
N PHE C 37 -35.90 8.27 1.42
CA PHE C 37 -36.34 8.42 2.75
C PHE C 37 -36.37 9.86 3.17
N GLU C 38 -35.31 10.57 2.82
CA GLU C 38 -35.29 11.97 3.14
C GLU C 38 -36.26 12.77 2.30
N MET C 39 -36.48 12.33 1.06
CA MET C 39 -37.41 13.01 0.13
C MET C 39 -38.81 12.99 0.69
N LEU C 40 -39.21 11.82 1.18
CA LEU C 40 -40.56 11.64 1.67
C LEU C 40 -40.80 12.18 3.09
N ARG C 41 -39.76 12.31 3.90
CA ARG C 41 -39.94 12.97 5.19
C ARG C 41 -40.29 14.44 4.99
N ILE C 42 -39.72 15.06 3.98
CA ILE C 42 -40.03 16.43 3.64
C ILE C 42 -41.48 16.61 3.21
N ASP C 43 -41.94 15.68 2.38
CA ASP C 43 -43.28 15.70 1.81
C ASP C 43 -44.37 15.22 2.75
N GLU C 44 -44.04 14.21 3.55
CA GLU C 44 -45.02 13.54 4.40
C GLU C 44 -44.72 13.58 5.90
N GLY C 45 -43.69 14.30 6.29
CA GLY C 45 -43.31 14.35 7.69
C GLY C 45 -42.78 13.05 8.28
N LEU C 46 -42.14 13.15 9.44
CA LEU C 46 -41.83 11.99 10.25
C LEU C 46 -42.43 12.22 11.62
N ARG C 47 -43.34 11.35 12.01
CA ARG C 47 -43.97 11.47 13.32
C ARG C 47 -43.77 10.20 14.11
N LEU C 48 -43.12 10.27 15.24
CA LEU C 48 -42.83 9.06 15.99
C LEU C 48 -44.02 8.62 16.86
N LYS C 49 -45.05 9.47 16.93
CA LYS C 49 -46.28 9.13 17.66
C LYS C 49 -47.50 9.35 16.76
N ILE C 50 -48.59 8.65 17.03
CA ILE C 50 -49.77 8.72 16.19
C ILE C 50 -50.28 10.15 16.14
N TYR C 51 -50.67 10.58 14.95
CA TYR C 51 -51.45 11.79 14.77
C TYR C 51 -52.55 11.41 13.81
N LYS C 52 -53.36 12.35 13.31
CA LYS C 52 -54.45 11.92 12.42
C LYS C 52 -54.73 12.81 11.20
N ASN C 53 -53.69 13.07 10.40
CA ASN C 53 -53.86 13.37 8.98
C ASN C 53 -54.55 14.70 8.64
N THR C 54 -54.48 15.12 7.38
CA THR C 54 -55.19 16.30 6.90
C THR C 54 -56.63 15.93 6.58
N GLU C 55 -56.81 14.68 6.17
CA GLU C 55 -58.08 14.19 5.66
C GLU C 55 -59.23 14.17 6.69
N GLY C 56 -59.07 13.57 7.86
CA GLY C 56 -57.89 12.86 8.29
C GLY C 56 -58.20 11.43 8.65
N TYR C 57 -57.21 10.55 8.59
CA TYR C 57 -57.32 9.21 9.19
C TYR C 57 -55.97 8.94 9.87
N TYR C 58 -55.91 8.18 10.97
CA TYR C 58 -54.68 8.30 11.75
C TYR C 58 -53.50 7.48 11.24
N THR C 59 -52.37 8.16 11.31
CA THR C 59 -51.18 7.98 10.52
C THR C 59 -50.00 8.06 11.49
N ILE C 60 -48.80 7.70 11.05
CA ILE C 60 -47.63 7.82 11.90
C ILE C 60 -46.36 7.66 11.08
N GLY C 61 -45.26 8.26 11.53
CA GLY C 61 -44.00 8.15 10.83
C GLY C 61 -44.09 8.93 9.56
N ILE C 62 -43.58 8.35 8.49
CA ILE C 62 -43.74 8.95 7.17
C ILE C 62 -44.97 8.36 6.48
N GLY C 63 -46.01 9.18 6.40
CA GLY C 63 -47.22 8.90 5.66
C GLY C 63 -47.80 7.52 5.76
N HIS C 64 -47.56 6.84 6.88
CA HIS C 64 -48.20 5.55 7.07
C HIS C 64 -49.52 5.72 7.78
N LEU C 65 -50.53 6.03 6.99
CA LEU C 65 -51.90 5.86 7.43
C LEU C 65 -52.11 4.44 7.95
N LEU C 66 -52.49 4.27 9.21
CA LEU C 66 -52.80 2.92 9.67
C LEU C 66 -54.27 2.57 9.44
N THR C 67 -55.18 3.12 10.24
CA THR C 67 -56.58 2.66 10.14
C THR C 67 -57.61 3.80 10.06
N ALA C 96 -39.68 3.45 12.63
CA ALA C 96 -40.32 4.24 11.59
C ALA C 96 -39.61 4.01 10.27
N GLU C 97 -38.28 4.02 10.32
CA GLU C 97 -37.46 3.81 9.15
C GLU C 97 -37.68 2.42 8.57
N LYS C 98 -37.80 1.45 9.46
CA LYS C 98 -37.99 0.05 9.08
C LYS C 98 -39.40 -0.10 8.52
N LEU C 99 -40.30 0.69 9.09
CA LEU C 99 -41.66 0.68 8.64
C LEU C 99 -41.78 1.51 7.36
N PHE C 100 -40.80 2.38 7.12
CA PHE C 100 -40.80 3.17 5.90
C PHE C 100 -40.22 2.40 4.72
N ASN C 101 -39.22 1.59 5.03
CA ASN C 101 -38.58 0.75 4.05
C ASN C 101 -39.48 -0.43 3.69
N GLN C 102 -40.45 -0.74 4.55
CA GLN C 102 -41.51 -1.69 4.22
C GLN C 102 -42.38 -1.12 3.12
N ASP C 103 -42.90 0.09 3.38
CA ASP C 103 -43.84 0.75 2.48
C ASP C 103 -43.23 1.11 1.14
N VAL C 104 -42.02 1.61 1.15
CA VAL C 104 -41.36 1.86 -0.10
C VAL C 104 -41.28 0.55 -0.85
N ASP C 105 -40.83 -0.51 -0.17
CA ASP C 105 -40.64 -1.79 -0.82
C ASP C 105 -41.99 -2.28 -1.36
N ALA C 106 -43.03 -2.04 -0.59
CA ALA C 106 -44.38 -2.36 -1.05
C ALA C 106 -44.89 -1.41 -2.13
N ALA C 107 -44.20 -0.29 -2.36
CA ALA C 107 -44.64 0.65 -3.39
C ALA C 107 -44.17 0.20 -4.76
N VAL C 108 -42.91 -0.19 -4.84
CA VAL C 108 -42.31 -0.55 -6.11
C VAL C 108 -42.84 -1.90 -6.62
N ARG C 109 -42.87 -2.91 -5.76
CA ARG C 109 -43.42 -4.21 -6.11
C ARG C 109 -44.87 -4.06 -6.59
N GLY C 110 -45.55 -3.05 -6.07
CA GLY C 110 -46.79 -2.60 -6.66
C GLY C 110 -46.61 -2.11 -8.09
N ILE C 111 -45.93 -0.99 -8.27
CA ILE C 111 -45.65 -0.40 -9.59
C ILE C 111 -45.25 -1.47 -10.58
N LEU C 112 -44.35 -2.34 -10.15
CA LEU C 112 -43.80 -3.36 -11.03
C LEU C 112 -44.85 -4.37 -11.41
N ARG C 113 -45.89 -4.46 -10.61
CA ARG C 113 -46.98 -5.34 -10.95
C ARG C 113 -47.88 -4.63 -11.94
N ASN C 114 -48.13 -3.35 -11.70
CA ASN C 114 -49.00 -2.60 -12.60
C ASN C 114 -48.44 -2.53 -14.03
N ALA C 115 -49.36 -2.56 -14.99
CA ALA C 115 -49.03 -2.80 -16.39
C ALA C 115 -48.80 -1.53 -17.18
N LYS C 116 -49.23 -0.41 -16.62
CA LYS C 116 -49.02 0.90 -17.23
C LYS C 116 -47.76 1.53 -16.63
N LEU C 117 -47.53 1.21 -15.35
CA LEU C 117 -46.51 1.85 -14.55
C LEU C 117 -45.15 1.21 -14.70
N LYS C 118 -45.11 -0.11 -14.80
CA LYS C 118 -43.82 -0.80 -14.85
C LYS C 118 -42.94 -0.31 -16.01
N PRO C 119 -43.50 -0.24 -17.24
CA PRO C 119 -42.72 0.23 -18.38
C PRO C 119 -42.07 1.60 -18.18
N VAL C 120 -42.83 2.54 -17.62
CA VAL C 120 -42.30 3.86 -17.34
C VAL C 120 -41.27 3.76 -16.25
N TYR C 121 -41.58 3.00 -15.19
CA TYR C 121 -40.62 2.78 -14.09
C TYR C 121 -39.32 2.19 -14.62
N ASP C 122 -39.43 1.09 -15.35
CA ASP C 122 -38.26 0.43 -15.91
C ASP C 122 -37.43 1.40 -16.74
N SER C 123 -38.13 2.36 -17.31
CA SER C 123 -37.58 3.34 -18.22
C SER C 123 -36.83 4.52 -17.57
N LEU C 124 -37.16 4.83 -16.33
CA LEU C 124 -36.67 6.08 -15.73
C LEU C 124 -35.34 5.91 -15.04
N ASP C 125 -34.66 7.03 -14.83
CA ASP C 125 -33.50 7.05 -13.96
C ASP C 125 -33.97 7.00 -12.53
N ALA C 126 -33.04 6.99 -11.59
CA ALA C 126 -33.33 6.64 -10.22
C ALA C 126 -33.95 7.78 -9.44
N VAL C 127 -33.59 9.02 -9.77
CA VAL C 127 -34.17 10.15 -9.04
C VAL C 127 -35.61 10.28 -9.46
N ARG C 128 -35.88 9.97 -10.73
CA ARG C 128 -37.21 10.09 -11.28
C ARG C 128 -38.09 8.91 -10.91
N ARG C 129 -37.48 7.77 -10.60
CA ARG C 129 -38.22 6.62 -10.09
C ARG C 129 -38.64 6.85 -8.66
N ALA C 130 -37.93 7.73 -7.97
CA ALA C 130 -38.31 8.14 -6.62
C ALA C 130 -39.50 9.11 -6.64
N ALA C 131 -39.50 10.03 -7.60
CA ALA C 131 -40.63 10.90 -7.84
C ALA C 131 -41.90 10.10 -8.15
N LEU C 132 -41.76 9.03 -8.92
CA LEU C 132 -42.89 8.17 -9.21
C LEU C 132 -43.35 7.39 -8.00
N ILE C 133 -42.40 6.89 -7.21
CA ILE C 133 -42.73 6.17 -5.97
C ILE C 133 -43.39 7.14 -5.00
N ASN C 134 -42.98 8.39 -5.08
CA ASN C 134 -43.59 9.41 -4.26
C ASN C 134 -45.07 9.59 -4.60
N MET C 135 -45.41 9.59 -5.89
CA MET C 135 -46.78 9.82 -6.30
C MET C 135 -47.64 8.68 -5.84
N VAL C 136 -47.08 7.49 -5.85
CA VAL C 136 -47.83 6.31 -5.45
C VAL C 136 -48.04 6.36 -3.95
N PHE C 137 -47.09 6.94 -3.23
CA PHE C 137 -47.30 7.12 -1.80
C PHE C 137 -48.49 8.03 -1.55
N GLN C 138 -48.51 9.17 -2.23
CA GLN C 138 -49.58 10.14 -2.02
C GLN C 138 -50.95 9.61 -2.43
N MET C 139 -51.02 8.93 -3.58
CA MET C 139 -52.31 8.70 -4.20
C MET C 139 -52.61 7.29 -4.71
N GLY C 140 -51.71 6.35 -4.45
CA GLY C 140 -52.01 4.96 -4.79
C GLY C 140 -51.61 4.64 -6.21
N GLU C 141 -51.38 3.35 -6.46
CA GLU C 141 -50.82 2.94 -7.73
C GLU C 141 -51.88 3.07 -8.81
N THR C 142 -53.14 2.98 -8.43
CA THR C 142 -54.22 3.08 -9.39
C THR C 142 -54.40 4.53 -9.81
N GLY C 143 -54.35 5.43 -8.83
CA GLY C 143 -54.38 6.86 -9.10
C GLY C 143 -53.26 7.28 -10.04
N VAL C 144 -52.05 6.81 -9.79
CA VAL C 144 -50.91 7.21 -10.62
C VAL C 144 -51.03 6.65 -12.03
N ALA C 145 -51.40 5.38 -12.15
CA ALA C 145 -51.62 4.77 -13.47
C ALA C 145 -52.60 5.57 -14.30
N GLY C 146 -53.42 6.36 -13.63
CA GLY C 146 -54.42 7.16 -14.31
C GLY C 146 -53.89 8.45 -14.93
N PHE C 147 -52.57 8.67 -14.86
CA PHE C 147 -51.91 9.81 -15.49
C PHE C 147 -51.41 9.50 -16.90
N THR C 148 -52.23 8.83 -17.69
CA THR C 148 -51.76 8.16 -18.91
C THR C 148 -50.93 9.05 -19.84
N ASN C 149 -51.31 10.31 -20.03
CA ASN C 149 -50.59 11.16 -20.97
C ASN C 149 -49.28 11.72 -20.41
N SER C 150 -49.26 12.00 -19.12
CA SER C 150 -48.02 12.41 -18.50
C SER C 150 -47.07 11.23 -18.48
N LEU C 151 -47.60 10.06 -18.17
CA LEU C 151 -46.81 8.83 -18.17
C LEU C 151 -46.18 8.49 -19.53
N ARG C 152 -46.85 8.81 -20.63
CA ARG C 152 -46.31 8.57 -21.96
C ARG C 152 -45.12 9.46 -22.18
N MET C 153 -45.31 10.74 -21.88
CA MET C 153 -44.26 11.74 -21.97
C MET C 153 -43.05 11.54 -21.06
N LEU C 154 -43.19 10.71 -20.02
CA LEU C 154 -42.04 10.40 -19.17
C LEU C 154 -41.28 9.18 -19.70
N GLN C 155 -41.98 8.30 -20.40
CA GLN C 155 -41.33 7.16 -21.03
C GLN C 155 -40.54 7.57 -22.27
N GLN C 156 -40.95 8.68 -22.88
CA GLN C 156 -40.29 9.22 -24.06
C GLN C 156 -39.29 10.30 -23.70
N LYS C 157 -39.10 10.51 -22.40
CA LYS C 157 -38.20 11.52 -21.89
C LYS C 157 -38.53 12.88 -22.40
N ARG C 158 -39.83 13.14 -22.54
CA ARG C 158 -40.34 14.45 -22.87
C ARG C 158 -40.62 15.23 -21.60
N TRP C 159 -39.57 15.67 -20.90
CA TRP C 159 -39.72 16.17 -19.52
C TRP C 159 -40.51 17.49 -19.36
N ASP C 160 -40.33 18.46 -20.25
CA ASP C 160 -41.09 19.70 -20.17
C ASP C 160 -42.57 19.43 -20.35
N GLU C 161 -42.86 18.58 -21.31
CA GLU C 161 -44.20 18.31 -21.74
C GLU C 161 -44.92 17.55 -20.68
N ALA C 162 -44.17 16.72 -19.97
CA ALA C 162 -44.78 15.99 -18.89
C ALA C 162 -45.11 16.95 -17.77
N ALA C 163 -44.16 17.80 -17.42
CA ALA C 163 -44.35 18.79 -16.36
C ALA C 163 -45.50 19.71 -16.66
N VAL C 164 -45.60 20.22 -17.89
CA VAL C 164 -46.72 21.08 -18.23
C VAL C 164 -48.02 20.34 -17.97
N ASN C 165 -48.04 19.07 -18.34
CA ASN C 165 -49.24 18.25 -18.27
C ASN C 165 -49.64 17.81 -16.87
N LEU C 166 -48.67 17.50 -16.05
CA LEU C 166 -48.94 17.16 -14.66
C LEU C 166 -49.52 18.37 -13.95
N ALA C 167 -48.98 19.55 -14.26
CA ALA C 167 -49.40 20.81 -13.67
C ALA C 167 -50.86 21.12 -14.01
N LYS C 168 -51.42 20.36 -14.95
CA LYS C 168 -52.80 20.57 -15.31
C LYS C 168 -53.73 19.81 -14.37
N SER C 169 -53.18 18.87 -13.59
CA SER C 169 -54.04 17.92 -12.89
C SER C 169 -54.65 18.52 -11.64
N ARG C 170 -55.47 17.70 -10.97
CA ARG C 170 -56.16 18.06 -9.71
C ARG C 170 -55.23 17.87 -8.54
N TRP C 171 -54.41 16.82 -8.64
CA TRP C 171 -53.28 16.61 -7.76
C TRP C 171 -52.54 17.89 -7.51
N TYR C 172 -52.17 18.53 -8.60
CA TYR C 172 -51.47 19.79 -8.57
C TYR C 172 -52.26 20.86 -7.84
N ASN C 173 -53.49 21.09 -8.28
CA ASN C 173 -54.36 22.09 -7.69
C ASN C 173 -54.60 21.81 -6.20
N GLN C 174 -54.58 20.55 -5.82
CA GLN C 174 -54.99 20.21 -4.49
C GLN C 174 -53.84 20.13 -3.51
N THR C 175 -52.66 19.73 -3.95
CA THR C 175 -51.48 19.79 -3.09
C THR C 175 -50.31 20.43 -3.79
N PRO C 176 -50.38 21.74 -4.07
CA PRO C 176 -49.49 22.36 -5.05
C PRO C 176 -48.03 22.42 -4.64
N ASN C 177 -47.73 22.62 -3.37
CA ASN C 177 -46.33 22.72 -2.97
C ASN C 177 -45.61 21.41 -3.17
N ARG C 178 -46.31 20.32 -2.85
CA ARG C 178 -45.73 18.99 -2.94
C ARG C 178 -45.71 18.50 -4.39
N ALA C 179 -46.75 18.83 -5.15
CA ALA C 179 -46.79 18.43 -6.55
C ALA C 179 -45.75 19.17 -7.35
N LYS C 180 -45.48 20.43 -7.01
CA LYS C 180 -44.43 21.21 -7.66
C LYS C 180 -43.06 20.61 -7.46
N ARG C 181 -42.80 20.16 -6.23
CA ARG C 181 -41.55 19.49 -5.89
C ARG C 181 -41.34 18.22 -6.71
N VAL C 182 -42.41 17.45 -6.91
CA VAL C 182 -42.37 16.16 -7.62
C VAL C 182 -42.33 16.34 -9.13
N ILE C 183 -42.99 17.38 -9.61
CA ILE C 183 -42.89 17.79 -11.01
C ILE C 183 -41.48 18.33 -11.35
N THR C 184 -40.87 19.07 -10.43
CA THR C 184 -39.52 19.61 -10.57
C THR C 184 -38.55 18.44 -10.67
N THR C 185 -38.88 17.36 -9.99
CA THR C 185 -38.04 16.19 -9.93
C THR C 185 -38.04 15.43 -11.29
N PHE C 186 -39.14 15.52 -12.03
CA PHE C 186 -39.26 14.88 -13.32
C PHE C 186 -38.64 15.74 -14.41
N ARG C 187 -38.89 17.04 -14.32
CA ARG C 187 -38.42 17.98 -15.33
C ARG C 187 -36.90 18.00 -15.30
N THR C 188 -36.34 18.09 -14.10
CA THR C 188 -34.89 18.24 -13.92
C THR C 188 -34.13 16.93 -13.70
N GLY C 189 -34.69 15.99 -12.94
CA GLY C 189 -33.97 14.77 -12.61
C GLY C 189 -32.98 14.93 -11.46
N THR C 190 -33.11 16.04 -10.73
CA THR C 190 -32.24 16.38 -9.62
C THR C 190 -33.08 16.41 -8.36
N TRP C 191 -32.43 16.47 -7.21
CA TRP C 191 -33.19 16.54 -5.96
C TRP C 191 -33.46 17.97 -5.51
N ASP C 192 -33.28 18.94 -6.40
CA ASP C 192 -33.21 20.34 -5.98
C ASP C 192 -34.52 20.96 -5.49
N ALA C 193 -35.65 20.28 -5.63
CA ALA C 193 -36.90 20.86 -5.14
C ALA C 193 -36.98 20.60 -3.66
N TYR C 194 -35.98 19.92 -3.13
CA TYR C 194 -36.03 19.55 -1.75
C TYR C 194 -34.91 20.23 -0.98
N ALA C 195 -34.17 21.10 -1.65
CA ALA C 195 -33.24 21.93 -0.93
C ALA C 195 -34.00 23.11 -0.32
N ALA C 196 -34.41 22.97 0.93
CA ALA C 196 -35.33 23.93 1.54
C ALA C 196 -35.57 23.60 3.00
N LEU D 8 -3.45 -22.87 -1.26
CA LEU D 8 -3.39 -21.52 -0.70
C LEU D 8 -1.99 -21.15 -0.30
N ARG D 9 -1.61 -19.92 -0.61
CA ARG D 9 -0.33 -19.41 -0.18
C ARG D 9 -0.48 -18.11 0.58
N TRP D 10 0.54 -17.83 1.40
CA TRP D 10 0.50 -16.80 2.43
C TRP D 10 1.62 -15.79 2.27
N PRO D 11 1.27 -14.55 1.94
CA PRO D 11 2.22 -13.46 1.72
C PRO D 11 2.99 -13.03 2.96
N LEU D 12 4.28 -13.38 3.02
CA LEU D 12 5.16 -12.89 4.08
C LEU D 12 5.85 -11.59 3.68
N ARG D 13 5.96 -10.69 4.64
CA ARG D 13 6.75 -9.48 4.49
C ARG D 13 7.86 -9.56 5.50
N PHE D 14 9.09 -9.56 5.04
CA PHE D 14 10.18 -9.60 5.99
C PHE D 14 10.68 -8.21 6.15
N VAL D 15 10.21 -7.60 7.22
CA VAL D 15 10.33 -6.20 7.50
C VAL D 15 11.61 -5.88 8.26
N ILE D 16 12.27 -4.81 7.88
CA ILE D 16 13.50 -4.40 8.56
C ILE D 16 13.41 -3.00 9.17
N GLY D 17 12.20 -2.50 9.36
CA GLY D 17 11.99 -1.23 10.03
C GLY D 17 10.77 -0.48 9.53
N SER D 18 10.44 0.66 10.15
CA SER D 18 9.34 1.49 9.64
C SER D 18 9.51 3.00 9.87
N SER D 19 8.66 3.80 9.27
CA SER D 19 8.74 5.24 9.46
C SER D 19 7.44 5.96 9.17
N ASP D 20 6.81 6.53 10.21
N ASP D 20 6.86 6.57 10.21
CA ASP D 20 5.53 7.21 10.03
CA ASP D 20 5.57 7.25 10.12
C ASP D 20 5.70 8.67 9.63
C ASP D 20 5.70 8.69 9.66
N THR D 21 4.79 9.11 8.78
CA THR D 21 4.84 10.43 8.19
C THR D 21 3.44 10.82 7.74
N GLN D 22 3.29 12.04 7.24
CA GLN D 22 2.03 12.49 6.68
C GLN D 22 1.91 11.99 5.25
N ARG D 23 0.74 11.47 4.88
CA ARG D 23 0.57 10.94 3.53
C ARG D 23 0.62 12.09 2.52
N SER D 24 0.72 13.32 3.03
CA SER D 24 1.03 14.46 2.19
C SER D 24 2.44 14.33 1.61
N LEU D 25 3.38 13.85 2.42
CA LEU D 25 4.78 13.74 2.01
C LEU D 25 4.99 12.80 0.81
N LEU D 26 4.27 11.69 0.78
CA LEU D 26 4.54 10.62 -0.19
C LEU D 26 4.60 11.11 -1.61
N GLY D 27 3.96 12.24 -1.87
CA GLY D 27 3.96 12.79 -3.20
C GLY D 27 5.27 13.48 -3.57
N ARG D 28 6.02 13.94 -2.58
CA ARG D 28 7.23 14.70 -2.87
C ARG D 28 8.48 13.84 -2.81
N ILE D 29 8.32 12.55 -2.56
CA ILE D 29 9.43 11.62 -2.69
C ILE D 29 9.76 11.41 -4.17
N GLY D 30 11.05 11.43 -4.50
CA GLY D 30 11.48 11.19 -5.86
C GLY D 30 12.68 10.26 -5.92
N ILE D 31 12.98 9.79 -7.12
CA ILE D 31 14.13 8.95 -7.36
C ILE D 31 15.39 9.63 -6.88
N GLY D 32 16.15 8.97 -6.02
CA GLY D 32 17.42 9.53 -5.58
C GLY D 32 17.29 10.19 -4.23
N ASP D 33 16.05 10.36 -3.78
CA ASP D 33 15.80 10.87 -2.45
C ASP D 33 16.20 9.78 -1.49
N VAL D 34 16.31 10.12 -0.21
CA VAL D 34 16.55 9.10 0.82
C VAL D 34 15.46 9.19 1.88
N LEU D 35 14.78 8.06 2.09
CA LEU D 35 13.78 7.92 3.11
C LEU D 35 14.36 7.28 4.34
N LEU D 36 14.40 8.00 5.45
CA LEU D 36 14.99 7.46 6.65
C LEU D 36 14.15 6.35 7.27
N ILE D 37 14.81 5.39 7.92
CA ILE D 37 14.13 4.36 8.69
C ILE D 37 14.21 4.77 10.15
N ARG D 38 13.10 5.22 10.71
CA ARG D 38 13.14 5.79 12.06
C ARG D 38 13.06 4.70 13.12
N THR D 39 12.19 3.73 12.90
CA THR D 39 12.16 2.53 13.74
C THR D 39 12.84 1.38 13.00
N SER D 40 13.72 0.63 13.65
CA SER D 40 14.44 -0.42 12.93
C SER D 40 14.11 -1.81 13.46
N ARG D 41 13.16 -2.50 12.80
CA ARG D 41 12.66 -3.84 13.20
C ARG D 41 13.39 -4.98 12.48
N ALA D 42 12.99 -6.21 12.79
CA ALA D 42 13.26 -7.37 11.92
C ALA D 42 12.14 -8.40 12.14
N GLU D 43 11.00 -8.19 11.50
CA GLU D 43 9.81 -8.96 11.84
C GLU D 43 9.00 -9.43 10.67
N VAL D 44 8.58 -10.67 10.76
CA VAL D 44 7.78 -11.30 9.72
C VAL D 44 6.33 -10.87 9.87
N TYR D 45 5.72 -10.54 8.74
CA TYR D 45 4.35 -10.08 8.74
C TYR D 45 3.55 -10.82 7.70
N CYS D 46 2.29 -11.06 8.05
CA CYS D 46 1.35 -11.67 7.13
C CYS D 46 0.11 -10.80 7.28
N TYR D 47 -0.20 -10.07 6.21
CA TYR D 47 -1.19 -9.01 6.29
C TYR D 47 -0.88 -8.13 7.50
N ALA D 48 -1.79 -8.10 8.45
CA ALA D 48 -1.55 -7.31 9.65
C ALA D 48 -1.01 -8.16 10.78
N LYS D 49 -1.18 -9.48 10.66
CA LYS D 49 -0.62 -10.35 11.66
C LYS D 49 0.90 -10.37 11.57
N LYS D 50 1.54 -10.28 12.74
CA LYS D 50 2.99 -10.29 12.85
C LYS D 50 3.47 -11.59 13.50
N LEU D 51 3.79 -12.58 12.67
CA LEU D 51 4.01 -13.94 13.12
C LEU D 51 5.30 -14.14 13.88
N GLY D 52 6.15 -13.11 13.93
CA GLY D 52 7.36 -13.25 14.73
C GLY D 52 8.58 -12.43 14.40
N HIS D 53 9.73 -13.08 14.55
CA HIS D 53 11.03 -12.42 14.49
C HIS D 53 12.03 -13.22 13.67
N PHE D 54 12.80 -12.52 12.85
CA PHE D 54 13.79 -13.17 12.01
C PHE D 54 15.17 -12.53 12.19
N ASN D 55 16.20 -13.17 11.63
CA ASN D 55 17.54 -12.63 11.72
C ASN D 55 18.25 -12.75 10.37
N ARG D 56 18.90 -11.67 9.95
CA ARG D 56 19.60 -11.66 8.68
C ARG D 56 20.97 -12.28 8.80
N VAL D 57 21.18 -13.38 8.10
CA VAL D 57 22.46 -14.06 8.09
C VAL D 57 23.00 -14.09 6.67
N GLU D 58 24.25 -14.53 6.50
CA GLU D 58 24.92 -14.52 5.19
C GLU D 58 24.07 -15.20 4.12
N GLY D 59 23.56 -16.38 4.44
CA GLY D 59 22.72 -17.10 3.49
C GLY D 59 21.50 -16.29 3.10
N GLY D 60 20.69 -15.96 4.09
CA GLY D 60 19.49 -15.20 3.85
C GLY D 60 18.92 -14.79 5.18
N ILE D 61 17.92 -15.53 5.61
CA ILE D 61 17.16 -15.21 6.80
C ILE D 61 16.91 -16.46 7.61
N ILE D 62 16.96 -16.33 8.92
CA ILE D 62 16.61 -17.43 9.79
C ILE D 62 15.50 -17.02 10.73
N VAL D 63 14.34 -17.68 10.61
CA VAL D 63 13.15 -17.30 11.38
C VAL D 63 13.08 -17.99 12.74
N GLU D 64 12.78 -17.21 13.78
CA GLU D 64 12.68 -17.73 15.14
C GLU D 64 11.44 -18.56 15.41
N THR D 65 10.28 -17.93 15.23
CA THR D 65 9.05 -18.42 15.83
C THR D 65 7.86 -18.54 14.87
N LEU D 66 6.76 -19.07 15.40
CA LEU D 66 5.46 -18.97 14.77
C LEU D 66 4.57 -18.02 15.56
N ASP D 67 3.38 -17.77 15.01
CA ASP D 67 2.30 -17.14 15.74
C ASP D 67 1.06 -17.40 14.92
N ILE D 68 0.69 -18.66 14.88
CA ILE D 68 -0.35 -19.12 13.99
C ILE D 68 -1.72 -19.15 14.70
N GLN D 69 -1.85 -18.24 15.67
CA GLN D 69 -3.09 -18.08 16.43
C GLN D 69 -4.14 -17.35 15.60
N ASP E 4 -1.42 10.91 7.89
CA ASP E 4 -0.41 10.33 8.79
C ASP E 4 -0.36 8.81 8.66
N VAL E 5 0.56 8.33 7.82
CA VAL E 5 0.62 6.90 7.54
C VAL E 5 2.04 6.34 7.73
N LYS E 6 2.10 5.07 8.13
CA LYS E 6 3.36 4.45 8.50
C LYS E 6 3.91 3.59 7.35
N LEU E 7 5.16 3.87 6.97
CA LEU E 7 5.85 3.19 5.87
C LEU E 7 6.62 1.99 6.38
N GLU E 8 6.67 0.96 5.57
CA GLU E 8 7.39 -0.25 5.91
C GLU E 8 8.56 -0.42 4.97
N PHE E 9 9.63 -1.00 5.49
CA PHE E 9 10.79 -1.30 4.69
C PHE E 9 10.99 -2.80 4.71
N VAL E 10 10.72 -3.44 3.56
CA VAL E 10 10.55 -4.88 3.48
C VAL E 10 11.72 -5.50 2.75
N LEU E 11 12.51 -6.27 3.48
CA LEU E 11 13.73 -6.81 2.92
C LEU E 11 13.38 -7.75 1.78
N TYR E 12 12.26 -8.43 1.96
CA TYR E 12 11.93 -9.58 1.14
C TYR E 12 10.47 -9.97 1.32
N ARG E 13 9.84 -10.35 0.22
CA ARG E 13 8.48 -10.88 0.26
C ARG E 13 8.43 -12.30 -0.27
N LYS E 14 7.58 -13.14 0.33
CA LYS E 14 7.55 -14.55 0.01
C LYS E 14 6.17 -15.19 0.22
N ASN E 15 5.56 -15.68 -0.86
CA ASN E 15 4.32 -16.43 -0.78
C ASN E 15 4.52 -17.88 -0.45
N VAL E 16 4.02 -18.30 0.71
CA VAL E 16 4.28 -19.63 1.23
C VAL E 16 3.02 -20.46 1.49
N THR E 17 3.13 -21.80 1.38
CA THR E 17 2.08 -22.70 1.84
C THR E 17 2.28 -22.95 3.34
N LEU E 18 1.52 -23.88 3.89
CA LEU E 18 1.58 -24.11 5.33
C LEU E 18 2.77 -24.99 5.73
N ALA E 19 3.15 -25.95 4.89
CA ALA E 19 4.23 -26.85 5.26
C ALA E 19 5.59 -26.14 5.22
N GLU E 20 5.65 -25.06 4.46
CA GLU E 20 6.86 -24.25 4.33
C GLU E 20 6.97 -23.28 5.50
N LEU E 21 5.81 -22.80 5.94
CA LEU E 21 5.69 -21.89 7.07
C LEU E 21 5.86 -22.66 8.38
N GLU E 22 5.55 -23.96 8.35
CA GLU E 22 5.91 -24.86 9.44
C GLU E 22 7.40 -25.05 9.49
N ALA E 23 7.95 -25.47 8.36
CA ALA E 23 9.38 -25.75 8.23
C ALA E 23 10.22 -24.52 8.54
N MSE E 24 9.59 -23.35 8.53
CA MSE E 24 10.26 -22.08 8.71
C MSE E 24 10.33 -21.61 10.15
O MSE E 24 11.38 -21.16 10.62
CB MSE E 24 9.55 -21.01 7.88
CG MSE E 24 10.26 -19.70 7.83
SE MSE E 24 9.10 -18.44 6.94
CE MSE E 24 9.18 -19.22 5.17
N GLY E 25 9.21 -21.71 10.87
CA GLY E 25 9.14 -21.26 12.25
C GLY E 25 9.84 -22.22 13.20
N GLN E 26 10.48 -23.21 12.59
CA GLN E 26 11.35 -24.14 13.30
C GLN E 26 12.82 -23.86 12.91
N GLN E 27 13.04 -22.68 12.31
CA GLN E 27 14.33 -21.99 12.17
C GLN E 27 15.19 -22.25 10.93
N GLN E 28 14.66 -22.97 9.95
CA GLN E 28 15.48 -23.32 8.78
C GLN E 28 15.70 -22.09 7.92
N LEU E 29 16.79 -22.07 7.17
CA LEU E 29 17.20 -20.85 6.50
C LEU E 29 16.39 -20.59 5.24
N LEU E 30 16.13 -19.30 5.04
CA LEU E 30 15.57 -18.84 3.79
C LEU E 30 16.65 -18.17 2.95
N SER E 31 16.99 -18.80 1.84
CA SER E 31 17.95 -18.19 0.92
C SER E 31 17.44 -16.87 0.39
N LEU E 32 18.36 -15.92 0.29
CA LEU E 32 18.11 -14.61 -0.30
C LEU E 32 19.19 -14.31 -1.35
N PRO E 33 18.83 -13.57 -2.43
CA PRO E 33 19.76 -13.03 -3.42
C PRO E 33 20.98 -12.34 -2.83
N THR E 34 21.94 -12.04 -3.67
CA THR E 34 23.25 -11.66 -3.19
C THR E 34 23.29 -10.40 -2.26
N ASN E 35 22.78 -9.16 -2.50
CA ASN E 35 21.99 -8.48 -3.54
C ASN E 35 20.81 -7.81 -2.81
N ALA E 36 20.23 -8.55 -1.87
CA ALA E 36 18.91 -8.26 -1.30
C ALA E 36 18.70 -6.80 -0.90
N GLU E 37 19.68 -6.26 -0.18
CA GLU E 37 19.61 -4.92 0.34
C GLU E 37 19.63 -3.81 -0.75
N LEU E 38 19.89 -4.19 -2.00
CA LEU E 38 19.83 -3.24 -3.13
C LEU E 38 18.41 -3.07 -3.63
N ASN E 39 17.54 -3.95 -3.18
CA ASN E 39 16.17 -3.95 -3.63
C ASN E 39 15.15 -3.90 -2.52
N VAL E 40 15.41 -3.08 -1.50
CA VAL E 40 14.48 -2.98 -0.40
C VAL E 40 13.22 -2.31 -0.87
N GLU E 41 12.06 -2.85 -0.50
CA GLU E 41 10.76 -2.30 -0.93
C GLU E 41 10.15 -1.30 0.04
N ILE E 42 9.62 -0.20 -0.50
CA ILE E 42 8.83 0.74 0.29
C ILE E 42 7.39 0.32 0.14
N MSE E 43 6.74 0.12 1.26
CA MSE E 43 5.35 -0.28 1.23
C MSE E 43 4.58 0.42 2.31
O MSE E 43 5.13 0.88 3.30
CB MSE E 43 5.20 -1.77 1.37
CG MSE E 43 5.69 -2.56 0.18
SE MSE E 43 5.26 -4.44 0.42
CE MSE E 43 3.37 -4.25 0.86
N ALA E 44 3.28 0.54 2.11
CA ALA E 44 2.44 1.07 3.15
C ALA E 44 1.06 0.56 2.90
N ASN E 45 0.44 0.09 3.98
CA ASN E 45 -0.93 -0.36 3.94
C ASN E 45 -1.10 -1.40 2.87
N GLY E 46 -0.07 -2.24 2.71
CA GLY E 46 -0.13 -3.38 1.82
C GLY E 46 0.22 -3.03 0.39
N VAL E 47 0.53 -1.76 0.14
CA VAL E 47 0.79 -1.30 -1.21
C VAL E 47 2.28 -1.05 -1.37
N LEU E 48 2.81 -1.57 -2.47
CA LEU E 48 4.19 -1.40 -2.85
C LEU E 48 4.40 -0.03 -3.48
N LEU E 49 5.02 0.89 -2.75
CA LEU E 49 5.15 2.27 -3.19
C LEU E 49 6.31 2.50 -4.14
N GLY E 50 7.31 1.65 -4.01
CA GLY E 50 8.51 1.79 -4.79
C GLY E 50 9.54 0.99 -4.03
N ASN E 51 10.81 1.25 -4.30
CA ASN E 51 11.83 0.49 -3.65
C ASN E 51 13.20 1.06 -3.91
N GLY E 52 14.16 0.70 -3.08
CA GLY E 52 15.53 1.13 -3.33
C GLY E 52 16.62 0.33 -2.68
N GLU E 53 17.79 0.97 -2.59
CA GLU E 53 18.96 0.39 -1.95
C GLU E 53 19.03 0.84 -0.51
N LEU E 54 19.32 -0.09 0.38
CA LEU E 54 19.50 0.26 1.77
C LEU E 54 20.85 0.95 1.97
N VAL E 55 20.85 2.08 2.64
CA VAL E 55 22.07 2.84 2.84
C VAL E 55 22.36 3.04 4.32
N GLN E 56 23.63 2.97 4.69
CA GLN E 56 24.06 3.31 6.02
C GLN E 56 24.40 4.77 5.99
N MSE E 57 24.00 5.49 7.01
CA MSE E 57 24.50 6.83 7.17
C MSE E 57 24.63 7.10 8.66
O MSE E 57 23.66 7.09 9.42
CB MSE E 57 23.61 7.83 6.46
CG MSE E 57 22.54 8.50 7.24
SE MSE E 57 21.40 9.35 5.93
CE MSE E 57 20.87 7.75 4.98
N ASN E 58 25.88 7.24 9.08
CA ASN E 58 26.19 7.44 10.47
C ASN E 58 25.46 6.44 11.34
N ASP E 59 24.68 7.00 12.25
CA ASP E 59 23.81 6.25 13.14
C ASP E 59 22.76 5.43 12.38
N THR E 60 21.99 6.13 11.56
CA THR E 60 20.70 5.64 11.11
C THR E 60 20.77 4.95 9.73
N LEU E 61 19.70 4.23 9.40
CA LEU E 61 19.56 3.59 8.11
C LEU E 61 18.52 4.33 7.28
N GLY E 62 18.40 3.95 6.03
CA GLY E 62 17.44 4.59 5.15
C GLY E 62 17.51 3.85 3.85
N VAL E 63 16.59 4.15 2.95
CA VAL E 63 16.60 3.49 1.66
C VAL E 63 16.71 4.56 0.59
N GLU E 64 17.67 4.37 -0.31
CA GLU E 64 17.88 5.24 -1.47
C GLU E 64 16.89 4.86 -2.57
N ILE E 65 16.00 5.77 -2.95
CA ILE E 65 14.89 5.41 -3.85
C ILE E 65 15.37 5.22 -5.29
N HIS E 66 15.21 4.01 -5.82
CA HIS E 66 15.54 3.70 -7.20
C HIS E 66 14.29 3.61 -8.04
N GLU E 67 13.18 3.23 -7.43
CA GLU E 67 11.89 3.35 -8.10
C GLU E 67 10.84 3.86 -7.14
N TRP E 68 10.03 4.79 -7.62
CA TRP E 68 8.91 5.25 -6.82
C TRP E 68 7.63 5.21 -7.65
N LEU E 69 6.91 4.10 -7.49
CA LEU E 69 5.73 3.82 -8.28
C LEU E 69 4.65 4.86 -8.05
N GLY F 1 28.25 -8.55 8.48
CA GLY F 1 28.53 -8.83 7.09
C GLY F 1 27.82 -7.93 6.10
N PRO F 2 26.54 -8.22 5.81
CA PRO F 2 25.69 -7.43 4.92
C PRO F 2 25.77 -5.92 5.19
N VAL F 3 25.49 -5.51 6.42
CA VAL F 3 25.37 -4.09 6.75
C VAL F 3 26.71 -3.35 6.64
N ASP F 4 27.78 -4.12 6.53
CA ASP F 4 29.11 -3.56 6.45
C ASP F 4 29.48 -3.21 5.03
N MET F 5 28.72 -3.70 4.07
CA MET F 5 29.03 -3.45 2.68
C MET F 5 28.06 -2.42 2.10
N LEU F 6 27.27 -1.81 2.98
CA LEU F 6 26.27 -0.82 2.58
C LEU F 6 26.91 0.44 2.03
N LYS F 7 26.33 1.00 0.97
CA LYS F 7 26.73 2.32 0.52
C LYS F 7 26.62 3.25 1.69
N ASN F 8 27.68 3.98 1.99
CA ASN F 8 27.64 4.83 3.15
C ASN F 8 27.56 6.29 2.77
N ILE F 9 26.60 6.99 3.37
CA ILE F 9 26.47 8.41 3.20
C ILE F 9 27.01 9.10 4.44
N PRO F 10 28.20 9.71 4.34
CA PRO F 10 28.82 10.29 5.55
C PRO F 10 28.27 11.68 5.86
N ILE F 11 27.82 11.96 7.08
CA ILE F 11 27.14 13.25 7.38
C ILE F 11 27.65 14.00 8.62
N PRO F 12 28.26 15.19 8.39
CA PRO F 12 28.69 16.19 9.37
C PRO F 12 27.56 17.07 9.87
N SER F 13 26.34 16.86 9.38
CA SER F 13 25.32 17.88 9.56
C SER F 13 24.42 17.74 10.77
N PRO F 14 24.41 16.55 11.40
CA PRO F 14 23.11 16.09 11.94
C PRO F 14 21.92 16.80 11.30
N LEU F 15 21.79 16.62 9.98
CA LEU F 15 20.92 17.41 9.13
C LEU F 15 19.43 17.44 9.52
N SER F 16 18.65 18.32 8.90
CA SER F 16 17.22 18.36 9.19
C SER F 16 16.46 17.92 7.96
N PRO F 17 16.03 16.66 7.98
CA PRO F 17 15.24 16.01 6.94
C PRO F 17 13.80 16.54 6.88
N VAL F 18 13.29 16.67 5.66
CA VAL F 18 11.93 17.12 5.41
C VAL F 18 10.89 16.19 6.06
N GLU F 19 10.07 16.75 6.95
CA GLU F 19 9.15 15.98 7.79
C GLU F 19 9.83 14.82 8.51
N GLY F 20 11.14 14.93 8.66
CA GLY F 20 11.88 14.04 9.54
C GLY F 20 12.34 12.72 8.96
N ILE F 21 12.04 12.45 7.69
CA ILE F 21 12.43 11.18 7.10
C ILE F 21 12.88 11.26 5.65
N LEU F 22 12.84 12.44 5.05
CA LEU F 22 13.10 12.55 3.61
C LEU F 22 14.31 13.41 3.27
N ILE F 23 15.25 12.83 2.54
CA ILE F 23 16.41 13.60 2.14
C ILE F 23 16.48 13.63 0.64
N LYS F 24 16.34 14.81 0.07
CA LYS F 24 16.22 14.93 -1.34
C LYS F 24 17.51 14.54 -2.00
N ARG F 25 17.41 14.06 -3.23
CA ARG F 25 18.54 13.75 -4.05
C ARG F 25 19.59 14.86 -4.11
N LYS F 26 19.12 16.08 -4.31
CA LYS F 26 19.96 17.28 -4.43
C LYS F 26 20.72 17.60 -3.16
N THR F 27 20.10 17.32 -2.03
CA THR F 27 20.71 17.54 -0.74
C THR F 27 21.78 16.50 -0.57
N LEU F 28 21.56 15.35 -1.19
CA LEU F 28 22.48 14.24 -1.11
C LEU F 28 23.52 14.38 -2.20
N GLU F 29 23.17 15.19 -3.21
CA GLU F 29 24.05 15.48 -4.35
C GLU F 29 25.34 16.08 -3.82
N ARG F 30 25.21 16.74 -2.68
CA ARG F 30 26.37 17.22 -1.96
C ARG F 30 27.25 16.05 -1.49
N TYR F 31 26.67 15.15 -0.70
CA TYR F 31 27.44 14.08 -0.06
C TYR F 31 27.76 12.91 -0.95
N PHE F 32 29.03 12.84 -1.33
CA PHE F 32 29.55 11.76 -2.16
C PHE F 32 29.53 10.45 -1.40
N SER F 33 28.79 9.47 -1.91
CA SER F 33 28.60 8.22 -1.21
C SER F 33 29.06 7.02 -2.03
N ILE F 34 29.79 6.12 -1.37
CA ILE F 34 30.19 4.85 -1.95
C ILE F 34 30.28 3.80 -0.86
N ASN F 35 30.58 2.56 -1.23
CA ASN F 35 30.85 1.56 -0.23
C ASN F 35 32.29 1.15 -0.34
N ILE F 36 32.66 0.18 0.46
CA ILE F 36 34.05 -0.25 0.56
C ILE F 36 34.54 -1.02 -0.67
N PHE F 37 33.65 -1.70 -1.38
CA PHE F 37 34.00 -2.32 -2.65
C PHE F 37 34.55 -1.25 -3.54
N GLU F 38 33.74 -0.24 -3.76
CA GLU F 38 34.14 0.88 -4.57
C GLU F 38 35.45 1.49 -4.09
N MET F 39 35.69 1.44 -2.77
CA MET F 39 36.90 2.02 -2.18
C MET F 39 38.14 1.28 -2.59
N LEU F 40 38.09 -0.02 -2.44
CA LEU F 40 39.25 -0.85 -2.64
C LEU F 40 39.45 -1.20 -4.10
N ARG F 41 38.38 -1.05 -4.88
CA ARG F 41 38.42 -1.26 -6.33
C ARG F 41 39.17 -0.10 -6.95
N ILE F 42 39.36 0.93 -6.16
CA ILE F 42 40.12 2.08 -6.59
C ILE F 42 41.53 1.98 -6.01
N ASP F 43 41.66 1.40 -4.83
CA ASP F 43 42.95 1.22 -4.18
C ASP F 43 43.72 -0.02 -4.66
N GLU F 44 43.02 -1.13 -4.89
CA GLU F 44 43.70 -2.30 -5.42
C GLU F 44 43.17 -2.79 -6.73
N GLY F 45 42.19 -2.06 -7.27
CA GLY F 45 41.72 -2.33 -8.61
C GLY F 45 40.95 -3.62 -8.74
N LEU F 46 40.26 -3.75 -9.87
CA LEU F 46 39.50 -4.93 -10.19
C LEU F 46 39.91 -5.44 -11.57
N ARG F 47 40.96 -6.24 -11.60
CA ARG F 47 41.37 -6.96 -12.79
C ARG F 47 40.86 -8.38 -12.66
N LEU F 48 40.30 -8.94 -13.73
CA LEU F 48 39.87 -10.32 -13.65
C LEU F 48 40.74 -11.19 -14.56
N LYS F 49 42.02 -10.78 -14.69
CA LYS F 49 43.09 -11.59 -15.27
C LYS F 49 43.40 -12.73 -14.31
N ILE F 50 44.66 -13.14 -14.24
CA ILE F 50 45.16 -13.90 -13.11
C ILE F 50 46.47 -13.20 -12.77
N TYR F 51 46.41 -11.88 -12.95
CA TYR F 51 47.54 -10.98 -13.13
C TYR F 51 48.64 -11.01 -12.09
N LYS F 52 49.82 -10.56 -12.50
CA LYS F 52 50.97 -10.35 -11.63
C LYS F 52 50.89 -8.95 -11.05
N ASN F 53 51.18 -8.81 -9.76
CA ASN F 53 50.94 -7.57 -9.00
C ASN F 53 52.16 -6.61 -8.97
N THR F 54 52.42 -6.02 -7.81
CA THR F 54 53.62 -5.20 -7.63
C THR F 54 54.88 -6.03 -7.92
N GLU F 55 55.05 -7.17 -7.28
CA GLU F 55 56.14 -8.07 -7.68
C GLU F 55 55.69 -9.02 -8.78
N GLY F 56 56.03 -10.30 -8.63
CA GLY F 56 55.68 -11.33 -9.59
C GLY F 56 54.49 -12.15 -9.18
N TYR F 57 54.08 -11.95 -7.95
CA TYR F 57 52.94 -12.62 -7.30
C TYR F 57 51.69 -12.62 -8.15
N TYR F 58 50.86 -13.66 -8.05
CA TYR F 58 49.70 -13.76 -8.92
C TYR F 58 48.40 -13.43 -8.17
N THR F 59 47.58 -12.59 -8.80
CA THR F 59 46.47 -11.89 -8.13
C THR F 59 45.26 -11.84 -9.05
N ILE F 60 44.05 -11.74 -8.49
CA ILE F 60 42.85 -11.51 -9.27
C ILE F 60 41.85 -10.71 -8.42
N GLY F 61 40.86 -10.12 -9.07
CA GLY F 61 39.75 -9.49 -8.37
C GLY F 61 40.22 -8.19 -7.78
N ILE F 62 39.83 -7.94 -6.54
CA ILE F 62 40.33 -6.77 -5.86
C ILE F 62 41.43 -7.18 -4.92
N GLY F 63 42.67 -6.99 -5.37
CA GLY F 63 43.87 -7.29 -4.60
C GLY F 63 43.84 -8.59 -3.82
N HIS F 64 43.10 -9.58 -4.30
CA HIS F 64 43.13 -10.87 -3.66
C HIS F 64 44.35 -11.61 -4.12
N LEU F 65 45.26 -11.89 -3.20
CA LEU F 65 46.46 -12.62 -3.58
C LEU F 65 46.16 -14.09 -3.57
N LEU F 66 46.60 -14.76 -4.63
CA LEU F 66 46.43 -16.20 -4.78
C LEU F 66 47.63 -16.97 -4.27
N THR F 67 48.64 -17.02 -5.11
CA THR F 67 49.82 -17.77 -4.80
C THR F 67 51.08 -16.89 -4.67
N LYS F 68 52.07 -17.41 -3.99
CA LYS F 68 53.35 -16.75 -3.91
C LYS F 68 54.29 -17.41 -4.92
N SER F 69 53.79 -18.49 -5.50
CA SER F 69 54.51 -19.31 -6.47
C SER F 69 54.56 -18.72 -7.85
N PRO F 70 55.63 -19.03 -8.58
CA PRO F 70 55.68 -18.78 -10.02
C PRO F 70 54.94 -19.85 -10.82
N SER F 71 54.31 -20.82 -10.16
CA SER F 71 53.60 -21.85 -10.91
C SER F 71 52.16 -21.42 -11.14
N LEU F 72 51.88 -20.92 -12.34
CA LEU F 72 50.57 -20.35 -12.64
C LEU F 72 49.48 -21.40 -12.76
N ASN F 73 49.88 -22.64 -12.94
CA ASN F 73 49.03 -23.75 -12.53
C ASN F 73 49.34 -23.91 -11.07
N ALA F 74 48.30 -23.99 -10.24
CA ALA F 74 48.33 -23.92 -8.77
C ALA F 74 48.15 -22.47 -8.32
N ALA F 75 48.44 -21.54 -9.22
CA ALA F 75 47.73 -20.27 -9.18
C ALA F 75 46.36 -20.65 -9.68
N LYS F 76 46.35 -21.56 -10.65
CA LYS F 76 45.14 -22.19 -11.14
C LYS F 76 44.41 -22.92 -10.01
N SER F 77 45.10 -23.86 -9.38
CA SER F 77 44.53 -24.65 -8.29
C SER F 77 44.00 -23.81 -7.14
N GLU F 78 44.29 -22.51 -7.15
CA GLU F 78 43.90 -21.64 -6.05
C GLU F 78 42.59 -20.89 -6.34
N LEU F 79 42.34 -20.56 -7.60
CA LEU F 79 41.12 -19.83 -7.98
C LEU F 79 39.87 -20.72 -7.90
N ASP F 80 40.05 -21.98 -8.27
CA ASP F 80 38.96 -22.93 -8.25
C ASP F 80 38.72 -23.42 -6.83
N ILE F 83 36.37 -20.13 -5.66
CA ILE F 83 35.12 -20.12 -6.42
C ILE F 83 34.36 -21.42 -6.32
N GLY F 84 34.97 -22.49 -6.81
CA GLY F 84 34.34 -23.80 -6.81
C GLY F 84 33.88 -24.23 -8.19
N ARG F 85 34.23 -23.44 -9.22
CA ARG F 85 34.01 -23.86 -10.60
C ARG F 85 35.14 -23.37 -11.47
N ASN F 86 35.38 -24.14 -12.52
CA ASN F 86 36.48 -23.88 -13.44
C ASN F 86 36.12 -23.02 -14.61
N THR F 87 35.72 -21.78 -14.34
CA THR F 87 35.93 -20.76 -15.35
C THR F 87 37.44 -20.51 -15.27
N ASN F 88 38.15 -20.97 -16.31
CA ASN F 88 39.60 -21.05 -16.26
C ASN F 88 40.30 -19.67 -16.39
N GLY F 89 40.70 -19.08 -15.26
CA GLY F 89 41.52 -17.87 -15.22
C GLY F 89 40.81 -16.56 -15.53
N VAL F 90 39.51 -16.66 -15.78
CA VAL F 90 38.65 -15.51 -16.02
C VAL F 90 37.53 -15.56 -14.96
N ILE F 91 36.86 -14.45 -14.72
CA ILE F 91 35.63 -14.48 -13.92
C ILE F 91 34.86 -13.20 -14.16
N THR F 92 33.55 -13.31 -14.29
CA THR F 92 32.70 -12.11 -14.29
C THR F 92 32.68 -11.40 -12.91
N LYS F 93 32.31 -10.11 -12.92
CA LYS F 93 32.42 -9.23 -11.76
C LYS F 93 31.84 -9.88 -10.51
N ASP F 94 30.59 -10.29 -10.63
CA ASP F 94 30.06 -11.45 -9.94
C ASP F 94 30.82 -11.83 -8.71
N GLU F 95 31.77 -12.73 -8.93
CA GLU F 95 32.37 -13.50 -7.88
C GLU F 95 33.52 -12.76 -7.27
N ALA F 96 34.17 -11.92 -8.07
CA ALA F 96 35.17 -10.99 -7.57
C ALA F 96 34.63 -10.35 -6.29
N GLU F 97 33.41 -9.82 -6.35
CA GLU F 97 32.83 -9.25 -5.15
C GLU F 97 32.42 -10.32 -4.16
N LYS F 98 31.87 -11.43 -4.66
CA LYS F 98 31.63 -12.57 -3.79
C LYS F 98 32.96 -12.87 -3.09
N LEU F 99 34.00 -13.04 -3.90
CA LEU F 99 35.35 -13.25 -3.40
C LEU F 99 35.78 -12.13 -2.46
N PHE F 100 35.82 -10.92 -2.98
CA PHE F 100 36.14 -9.72 -2.21
C PHE F 100 35.46 -9.67 -0.85
N ASN F 101 34.16 -9.96 -0.82
CA ASN F 101 33.37 -9.90 0.40
C ASN F 101 33.97 -10.73 1.55
N GLN F 102 34.30 -11.99 1.29
CA GLN F 102 34.78 -12.88 2.34
C GLN F 102 36.21 -12.53 2.74
N ASP F 103 36.99 -12.10 1.75
CA ASP F 103 38.30 -11.50 2.01
C ASP F 103 38.14 -10.32 2.94
N VAL F 104 36.97 -9.68 2.88
CA VAL F 104 36.72 -8.58 3.78
C VAL F 104 36.22 -9.08 5.12
N ASP F 105 35.30 -10.05 5.10
CA ASP F 105 34.82 -10.60 6.37
C ASP F 105 35.96 -11.22 7.15
N ALA F 106 36.83 -11.91 6.45
CA ALA F 106 38.03 -12.42 7.07
C ALA F 106 38.77 -11.26 7.74
N ALA F 107 38.96 -10.19 6.98
CA ALA F 107 39.74 -9.06 7.45
C ALA F 107 39.12 -8.46 8.69
N VAL F 108 37.81 -8.35 8.71
CA VAL F 108 37.16 -7.80 9.88
C VAL F 108 37.33 -8.77 11.04
N ARG F 109 36.90 -10.02 10.87
CA ARG F 109 37.07 -11.06 11.90
C ARG F 109 38.48 -11.01 12.45
N GLY F 110 39.45 -10.85 11.56
CA GLY F 110 40.83 -10.66 11.96
C GLY F 110 40.98 -9.47 12.89
N ILE F 111 40.43 -8.34 12.48
CA ILE F 111 40.46 -7.13 13.31
C ILE F 111 39.82 -7.39 14.66
N LEU F 112 38.60 -7.92 14.63
CA LEU F 112 37.79 -8.21 15.82
C LEU F 112 38.51 -9.10 16.81
N ARG F 113 39.04 -10.21 16.32
CA ARG F 113 39.81 -11.08 17.19
C ARG F 113 41.25 -10.59 17.32
N ASN F 114 41.39 -9.40 17.88
CA ASN F 114 42.69 -8.84 18.29
C ASN F 114 42.46 -7.68 19.26
N ALA F 115 43.12 -7.71 20.42
CA ALA F 115 42.83 -6.75 21.48
C ALA F 115 43.50 -5.38 21.28
N LYS F 116 44.41 -5.30 20.31
CA LYS F 116 45.07 -4.03 20.02
C LYS F 116 44.27 -3.19 19.01
N LEU F 117 43.45 -3.85 18.18
CA LEU F 117 42.75 -3.12 17.13
C LEU F 117 41.23 -3.04 17.29
N LYS F 118 40.61 -4.00 17.97
CA LYS F 118 39.16 -4.00 18.05
C LYS F 118 38.61 -2.79 18.80
N PRO F 119 39.21 -2.39 19.94
CA PRO F 119 38.72 -1.16 20.55
C PRO F 119 38.73 0.02 19.57
N VAL F 120 39.83 0.17 18.84
CA VAL F 120 39.96 1.14 17.76
C VAL F 120 38.80 0.99 16.79
N TYR F 121 38.62 -0.23 16.28
CA TYR F 121 37.58 -0.51 15.29
C TYR F 121 36.19 -0.10 15.76
N ASP F 122 35.79 -0.61 16.92
CA ASP F 122 34.49 -0.31 17.49
C ASP F 122 34.29 1.16 17.63
N SER F 123 35.35 1.86 18.03
CA SER F 123 35.33 3.31 18.18
C SER F 123 34.73 3.93 16.95
N LEU F 124 35.30 3.58 15.81
CA LEU F 124 35.14 4.33 14.58
C LEU F 124 33.77 4.24 13.94
N ASP F 125 33.40 5.32 13.26
CA ASP F 125 32.21 5.31 12.42
C ASP F 125 32.41 4.36 11.25
N ALA F 126 31.35 4.08 10.50
CA ALA F 126 31.41 3.12 9.41
C ALA F 126 32.52 3.46 8.40
N VAL F 127 32.59 4.72 7.98
CA VAL F 127 33.55 5.16 6.99
C VAL F 127 34.99 4.99 7.46
N ARG F 128 35.27 5.25 8.74
CA ARG F 128 36.63 5.19 9.26
C ARG F 128 37.11 3.79 9.51
N ARG F 129 36.18 2.86 9.72
CA ARG F 129 36.52 1.44 9.81
C ARG F 129 36.93 0.90 8.44
N ALA F 130 36.25 1.36 7.39
CA ALA F 130 36.61 1.01 6.00
C ALA F 130 38.05 1.42 5.70
N ALA F 131 38.42 2.61 6.18
CA ALA F 131 39.79 3.10 6.10
C ALA F 131 40.71 2.16 6.85
N LEU F 132 40.18 1.59 7.93
CA LEU F 132 40.95 0.68 8.76
C LEU F 132 40.99 -0.72 8.16
N ILE F 133 39.90 -1.13 7.54
CA ILE F 133 39.91 -2.40 6.82
C ILE F 133 40.80 -2.27 5.58
N ASN F 134 40.77 -1.12 4.94
CA ASN F 134 41.67 -0.84 3.83
C ASN F 134 43.12 -0.94 4.25
N MET F 135 43.47 -0.43 5.43
CA MET F 135 44.87 -0.51 5.86
C MET F 135 45.27 -1.96 6.12
N VAL F 136 44.37 -2.76 6.67
CA VAL F 136 44.64 -4.19 6.86
C VAL F 136 44.96 -4.88 5.52
N PHE F 137 44.16 -4.57 4.50
CA PHE F 137 44.34 -5.12 3.17
C PHE F 137 45.75 -4.97 2.61
N GLN F 138 46.29 -3.75 2.71
CA GLN F 138 47.58 -3.43 2.13
C GLN F 138 48.68 -4.20 2.85
N MET F 139 48.59 -4.22 4.18
CA MET F 139 49.69 -4.66 5.04
C MET F 139 49.27 -5.54 6.23
N GLY F 140 48.30 -6.43 6.04
CA GLY F 140 47.96 -7.39 7.08
C GLY F 140 47.40 -6.80 8.37
N GLU F 141 46.61 -7.59 9.07
CA GLU F 141 45.94 -7.13 10.28
C GLU F 141 46.95 -6.73 11.35
N THR F 142 48.13 -7.32 11.32
CA THR F 142 49.06 -7.07 12.40
C THR F 142 49.91 -5.85 12.10
N GLY F 143 50.37 -5.75 10.85
CA GLY F 143 51.15 -4.59 10.41
C GLY F 143 50.47 -3.24 10.58
N VAL F 144 49.16 -3.28 10.82
CA VAL F 144 48.37 -2.11 11.22
C VAL F 144 48.61 -1.84 12.71
N ALA F 145 48.58 -2.90 13.50
CA ALA F 145 48.81 -2.82 14.94
C ALA F 145 50.11 -2.10 15.21
N GLY F 146 51.12 -2.40 14.40
CA GLY F 146 52.44 -1.79 14.51
C GLY F 146 52.40 -0.29 14.54
N PHE F 147 51.32 0.30 14.04
CA PHE F 147 51.14 1.76 14.08
C PHE F 147 50.62 2.25 15.41
N THR F 148 51.17 1.72 16.49
CA THR F 148 50.65 1.98 17.82
C THR F 148 50.28 3.43 18.13
N ASN F 149 51.04 4.44 17.74
CA ASN F 149 50.66 5.73 18.29
C ASN F 149 49.48 6.30 17.53
N SER F 150 49.39 5.99 16.23
CA SER F 150 48.31 6.58 15.43
C SER F 150 46.94 5.99 15.82
N LEU F 151 46.95 4.72 16.21
CA LEU F 151 45.77 4.02 16.70
C LEU F 151 45.18 4.66 17.95
N ARG F 152 46.05 5.11 18.85
CA ARG F 152 45.60 5.80 20.05
C ARG F 152 44.81 7.04 19.66
N MET F 153 45.44 7.92 18.89
CA MET F 153 44.83 9.17 18.45
C MET F 153 43.47 8.96 17.72
N LEU F 154 43.36 7.90 16.92
CA LEU F 154 42.08 7.56 16.27
C LEU F 154 41.03 7.04 17.24
N GLN F 155 41.46 6.17 18.15
CA GLN F 155 40.58 5.73 19.22
C GLN F 155 40.19 6.91 20.10
N GLN F 156 41.11 7.85 20.27
CA GLN F 156 40.80 9.07 21.00
C GLN F 156 40.13 10.09 20.09
N LYS F 157 39.64 9.61 18.94
CA LYS F 157 38.88 10.42 18.00
C LYS F 157 39.57 11.68 17.64
N ARG F 158 40.86 11.60 17.41
CA ARG F 158 41.61 12.82 17.30
C ARG F 158 42.30 12.81 15.94
N TRP F 159 41.59 13.41 14.99
CA TRP F 159 41.78 13.15 13.57
C TRP F 159 42.96 13.93 12.94
N ASP F 160 43.21 15.15 13.43
CA ASP F 160 44.26 15.98 12.85
C ASP F 160 45.68 15.50 13.19
N GLU F 161 45.90 14.93 14.38
CA GLU F 161 47.23 14.42 14.74
C GLU F 161 47.54 13.00 14.28
N ALA F 162 46.54 12.13 14.25
CA ALA F 162 46.74 10.82 13.64
C ALA F 162 47.21 11.02 12.22
N ALA F 163 46.49 11.86 11.49
CA ALA F 163 46.77 12.15 10.08
C ALA F 163 48.16 12.75 9.87
N VAL F 164 48.56 13.65 10.76
CA VAL F 164 49.90 14.23 10.71
C VAL F 164 50.90 13.14 11.00
N ASN F 165 50.57 12.22 11.90
CA ASN F 165 51.52 11.20 12.30
C ASN F 165 51.58 10.04 11.34
N LEU F 166 50.43 9.64 10.82
CA LEU F 166 50.38 8.58 9.81
C LEU F 166 51.14 9.04 8.59
N ALA F 167 51.07 10.33 8.30
CA ALA F 167 51.76 10.92 7.16
C ALA F 167 53.28 10.94 7.32
N LYS F 168 53.75 10.66 8.53
CA LYS F 168 55.19 10.55 8.76
C LYS F 168 55.68 9.15 8.47
N SER F 169 54.75 8.21 8.30
CA SER F 169 55.10 6.79 8.19
C SER F 169 55.84 6.45 6.89
N ARG F 170 56.28 5.19 6.81
CA ARG F 170 57.04 4.70 5.67
C ARG F 170 56.06 4.01 4.75
N TRP F 171 54.95 3.59 5.32
CA TRP F 171 53.77 3.25 4.54
C TRP F 171 53.37 4.40 3.60
N TYR F 172 53.39 5.60 4.16
CA TYR F 172 53.04 6.80 3.43
C TYR F 172 54.12 7.15 2.42
N ASN F 173 55.35 6.80 2.74
CA ASN F 173 56.46 7.16 1.88
C ASN F 173 56.45 6.30 0.62
N GLN F 174 56.16 5.02 0.81
CA GLN F 174 56.27 4.03 -0.24
C GLN F 174 55.09 4.08 -1.17
N THR F 175 53.92 4.21 -0.57
CA THR F 175 52.65 4.23 -1.29
C THR F 175 51.86 5.48 -0.94
N PRO F 176 52.34 6.67 -1.37
CA PRO F 176 51.80 7.91 -0.83
C PRO F 176 50.41 8.25 -1.32
N ASN F 177 50.10 7.89 -2.56
CA ASN F 177 48.82 8.23 -3.13
C ASN F 177 47.69 7.50 -2.48
N ARG F 178 47.85 6.19 -2.34
CA ARG F 178 46.93 5.40 -1.55
C ARG F 178 46.89 5.91 -0.10
N ALA F 179 48.06 6.04 0.51
CA ALA F 179 48.15 6.54 1.88
C ALA F 179 47.44 7.88 2.11
N LYS F 180 47.56 8.84 1.19
CA LYS F 180 46.83 10.13 1.32
C LYS F 180 45.32 9.97 1.24
N ARG F 181 44.86 9.07 0.41
CA ARG F 181 43.43 8.81 0.36
C ARG F 181 42.91 8.19 1.65
N VAL F 182 43.65 7.23 2.20
CA VAL F 182 43.28 6.56 3.47
C VAL F 182 43.42 7.48 4.68
N ILE F 183 44.47 8.30 4.71
CA ILE F 183 44.63 9.28 5.77
C ILE F 183 43.53 10.35 5.72
N THR F 184 43.22 10.84 4.52
CA THR F 184 42.12 11.80 4.32
C THR F 184 40.80 11.25 4.87
N THR F 185 40.50 9.99 4.54
CA THR F 185 39.32 9.32 5.08
C THR F 185 39.33 9.34 6.60
N PHE F 186 40.47 9.05 7.20
CA PHE F 186 40.57 9.04 8.66
C PHE F 186 40.33 10.44 9.20
N ARG F 187 41.04 11.41 8.63
CA ARG F 187 40.93 12.78 9.09
C ARG F 187 39.54 13.37 8.96
N THR F 188 38.89 13.16 7.81
CA THR F 188 37.62 13.84 7.53
C THR F 188 36.38 12.97 7.74
N GLY F 189 36.56 11.66 7.82
CA GLY F 189 35.44 10.74 7.91
C GLY F 189 34.54 10.66 6.69
N THR F 190 34.93 11.31 5.59
CA THR F 190 34.15 11.33 4.34
C THR F 190 34.81 10.50 3.25
N TRP F 191 34.05 10.15 2.20
CA TRP F 191 34.58 9.42 1.04
C TRP F 191 35.33 10.31 0.05
N ASP F 192 35.62 11.56 0.43
CA ASP F 192 36.04 12.57 -0.55
C ASP F 192 37.36 12.32 -1.28
N ALA F 193 38.28 11.56 -0.70
CA ALA F 193 39.53 11.22 -1.39
C ALA F 193 39.28 10.29 -2.60
N TYR F 194 38.07 9.78 -2.71
CA TYR F 194 37.78 8.78 -3.73
C TYR F 194 36.82 9.32 -4.79
N ALA F 195 36.60 10.62 -4.77
CA ALA F 195 35.74 11.26 -5.74
C ALA F 195 36.45 11.47 -7.07
#